data_4DAF
#
_entry.id   4DAF
#
_cell.length_a   98.371
_cell.length_b   98.371
_cell.length_c   263.131
_cell.angle_alpha   90.000
_cell.angle_beta   90.000
_cell.angle_gamma   120.000
#
_symmetry.space_group_name_H-M   'P 62 2 2'
#
loop_
_entity.id
_entity.type
_entity.pdbx_description
1 polymer 'Dihydropteroate Synthase'
2 non-polymer '(2R)-2-(7-amino-4,5-dioxo-1,4,5,6-tetrahydropyrimido[4,5-c]pyridazin-3-yl)propanoic acid'
3 non-polymer 'SULFATE ION'
4 water water
#
_entity_poly.entity_id   1
_entity_poly.type   'polypeptide(L)'
_entity_poly.pdbx_seq_one_letter_code
;MGSSHHHHHHSSGLVPRGSHMKWDYDLRCGEYTLNLNEKTLIMGILNVTPDSFSDGGSYNEVDAAVRHAKEMRDEGAHII
DIGGESTRPGFAKVSVEEEIKRVVPMIQAVSKEVKLPISIDTYKAEVAKQAIEAGAHIINDIWGAKAEPKIAEVAAHYDV
PIILMHNRDNMNYRNLMADMIADLYDSIKIAKDAGVRDENIILDPGIGFAKTPEQNLEAMRNLEQLNVLGYPVLLGTSRK
SFIGHVLDLPVEERLEGTGATVCLGIEKGCEFVRVHDVKEMSRMAKMMDAMIGKGVK
;
_entity_poly.pdbx_strand_id   A,B
#
# COMPACT_ATOMS: atom_id res chain seq x y z
N LYS A 22 20.07 18.19 32.35
CA LYS A 22 19.80 19.02 31.19
C LYS A 22 20.83 18.81 30.09
N TRP A 23 20.36 18.42 28.92
CA TRP A 23 21.20 18.31 27.73
C TRP A 23 21.28 19.67 27.06
N ASP A 24 22.49 20.08 26.70
CA ASP A 24 22.68 21.40 26.11
C ASP A 24 22.67 21.35 24.59
N TYR A 25 22.15 20.24 24.05
CA TYR A 25 22.02 20.10 22.61
C TYR A 25 20.81 19.27 22.22
N ASP A 26 20.40 19.42 20.96
CA ASP A 26 19.29 18.66 20.37
C ASP A 26 19.80 17.48 19.54
N LEU A 27 19.11 16.36 19.66
CA LEU A 27 19.36 15.25 18.75
C LEU A 27 19.04 15.67 17.32
N ARG A 28 20.07 15.77 16.48
CA ARG A 28 19.88 16.18 15.09
C ARG A 28 19.72 14.99 14.13
N CYS A 29 18.51 14.84 13.61
CA CYS A 29 18.18 13.73 12.70
C CYS A 29 17.76 14.21 11.31
N GLY A 30 18.67 14.86 10.59
CA GLY A 30 18.36 15.35 9.26
C GLY A 30 17.14 16.24 9.26
N GLU A 31 16.05 15.74 8.69
CA GLU A 31 14.81 16.50 8.57
C GLU A 31 14.20 16.90 9.91
N TYR A 32 14.28 15.99 10.89
CA TYR A 32 13.62 16.20 12.18
C TYR A 32 14.65 16.41 13.28
N THR A 33 14.20 17.04 14.36
CA THR A 33 15.05 17.33 15.50
C THR A 33 14.39 16.88 16.79
N LEU A 34 15.11 16.10 17.58
CA LEU A 34 14.58 15.59 18.84
C LEU A 34 15.19 16.25 20.07
N ASN A 35 14.37 17.02 20.78
CA ASN A 35 14.77 17.61 22.05
C ASN A 35 14.79 16.58 23.18
N LEU A 36 15.87 16.60 23.96
CA LEU A 36 16.08 15.58 24.99
C LEU A 36 15.63 16.01 26.38
N ASN A 37 15.09 17.21 26.49
CA ASN A 37 14.77 17.74 27.81
C ASN A 37 13.29 17.83 28.13
N GLU A 38 12.44 18.05 27.13
CA GLU A 38 11.02 18.26 27.38
C GLU A 38 10.26 16.99 27.79
N LYS A 39 10.61 15.86 27.21
CA LYS A 39 9.89 14.63 27.52
C LYS A 39 10.67 13.38 27.16
N THR A 40 10.20 12.24 27.65
CA THR A 40 10.71 10.95 27.21
C THR A 40 10.25 10.65 25.78
N LEU A 41 11.23 10.40 24.91
CA LEU A 41 10.99 10.07 23.52
C LEU A 41 10.60 8.60 23.41
N ILE A 42 9.50 8.33 22.72
CA ILE A 42 9.02 6.98 22.58
C ILE A 42 9.39 6.46 21.22
N MET A 43 10.14 5.36 21.19
CA MET A 43 10.43 4.68 19.95
C MET A 43 9.55 3.44 19.81
N GLY A 44 8.69 3.43 18.79
CA GLY A 44 7.74 2.35 18.55
C GLY A 44 8.31 1.28 17.64
N ILE A 45 8.16 0.01 18.02
CA ILE A 45 8.72 -1.08 17.24
C ILE A 45 7.80 -1.52 16.09
N LEU A 46 8.37 -1.59 14.89
CA LEU A 46 7.60 -1.98 13.72
C LEU A 46 7.79 -3.47 13.39
N ASN A 47 6.68 -4.13 13.04
CA ASN A 47 6.71 -5.55 12.69
C ASN A 47 7.79 -5.92 11.67
N SER A 58 6.75 -6.66 -1.40
CA SER A 58 5.42 -6.77 -2.00
C SER A 58 4.48 -5.75 -1.37
N TYR A 59 3.21 -5.79 -1.76
CA TYR A 59 2.26 -4.78 -1.33
C TYR A 59 1.64 -5.08 0.05
N ASN A 60 1.47 -6.36 0.37
CA ASN A 60 0.86 -6.72 1.65
C ASN A 60 1.79 -6.37 2.81
N GLU A 61 3.05 -6.77 2.67
CA GLU A 61 4.07 -6.46 3.63
C GLU A 61 4.18 -4.97 3.87
N VAL A 62 4.44 -4.20 2.82
CA VAL A 62 4.80 -2.80 2.99
C VAL A 62 3.63 -1.95 3.43
N ASP A 63 2.42 -2.40 3.12
CA ASP A 63 1.21 -1.65 3.46
C ASP A 63 0.82 -1.90 4.91
N ALA A 64 1.00 -3.14 5.34
CA ALA A 64 0.71 -3.54 6.72
C ALA A 64 1.62 -2.78 7.66
N ALA A 65 2.84 -2.53 7.17
CA ALA A 65 3.87 -1.81 7.88
C ALA A 65 3.55 -0.33 7.97
N VAL A 66 3.03 0.21 6.89
CA VAL A 66 2.65 1.62 6.86
C VAL A 66 1.46 1.87 7.80
N ARG A 67 0.49 0.97 7.80
CA ARG A 67 -0.66 1.14 8.69
C ARG A 67 -0.14 1.24 10.12
N HIS A 68 0.82 0.38 10.45
CA HIS A 68 1.33 0.29 11.81
C HIS A 68 2.10 1.54 12.22
N ALA A 69 2.96 2.03 11.34
CA ALA A 69 3.67 3.26 11.61
C ALA A 69 2.70 4.39 11.84
N LYS A 70 1.65 4.44 11.02
CA LYS A 70 0.67 5.52 11.13
C LYS A 70 -0.05 5.43 12.47
N GLU A 71 -0.47 4.23 12.82
CA GLU A 71 -1.08 3.98 14.10
C GLU A 71 -0.13 4.45 15.21
N MET A 72 1.10 3.94 15.19
CA MET A 72 2.09 4.32 16.20
C MET A 72 2.29 5.83 16.25
N ARG A 73 2.50 6.45 15.08
CA ARG A 73 2.58 7.90 15.01
C ARG A 73 1.40 8.56 15.72
N ASP A 74 0.21 7.97 15.59
CA ASP A 74 -0.98 8.56 16.18
C ASP A 74 -1.16 8.29 17.68
N GLU A 75 -0.51 7.23 18.16
CA GLU A 75 -0.59 6.85 19.57
C GLU A 75 0.46 7.52 20.48
N GLY A 76 1.38 8.28 19.88
CA GLY A 76 2.32 9.10 20.62
C GLY A 76 3.78 8.74 20.40
N ALA A 77 4.04 7.99 19.33
CA ALA A 77 5.39 7.58 19.01
C ALA A 77 6.17 8.74 18.42
N HIS A 78 7.48 8.78 18.67
CA HIS A 78 8.33 9.89 18.21
C HIS A 78 9.35 9.41 17.22
N ILE A 79 9.46 8.09 17.09
CA ILE A 79 10.49 7.47 16.28
C ILE A 79 9.93 6.13 15.88
N ILE A 80 10.20 5.71 14.65
CA ILE A 80 9.79 4.37 14.20
C ILE A 80 11.02 3.50 14.03
N ASP A 81 11.03 2.36 14.70
CA ASP A 81 12.17 1.45 14.61
C ASP A 81 11.86 0.30 13.67
N ILE A 82 12.68 0.17 12.63
CA ILE A 82 12.37 -0.81 11.59
C ILE A 82 13.46 -1.88 11.46
N GLY A 83 13.10 -3.11 11.83
CA GLY A 83 14.04 -4.21 11.88
C GLY A 83 14.32 -4.83 10.52
N SER A 95 20.30 -13.37 6.12
CA SER A 95 21.63 -12.83 5.84
C SER A 95 21.58 -11.58 4.96
N VAL A 96 22.75 -11.04 4.67
CA VAL A 96 22.88 -9.70 4.07
C VAL A 96 22.08 -9.44 2.79
N GLU A 97 22.07 -10.39 1.86
CA GLU A 97 21.34 -10.18 0.61
C GLU A 97 19.87 -9.85 0.84
N GLU A 98 19.22 -10.68 1.65
CA GLU A 98 17.77 -10.57 1.85
C GLU A 98 17.36 -9.43 2.79
N GLU A 99 18.21 -9.10 3.76
CA GLU A 99 17.86 -8.09 4.74
C GLU A 99 17.58 -6.75 4.06
N ILE A 100 18.33 -6.47 3.01
CA ILE A 100 18.19 -5.21 2.30
C ILE A 100 16.92 -5.21 1.46
N LYS A 101 16.65 -6.34 0.81
CA LYS A 101 15.49 -6.47 -0.06
C LYS A 101 14.18 -6.38 0.72
N ARG A 102 14.24 -6.68 2.01
CA ARG A 102 13.06 -6.65 2.87
C ARG A 102 12.89 -5.31 3.57
N VAL A 103 14.00 -4.70 3.98
CA VAL A 103 13.92 -3.50 4.83
C VAL A 103 13.98 -2.18 4.08
N VAL A 104 14.58 -2.17 2.89
CA VAL A 104 14.65 -0.93 2.10
C VAL A 104 13.28 -0.41 1.65
N PRO A 105 12.44 -1.30 1.03
CA PRO A 105 11.08 -0.95 0.59
C PRO A 105 10.25 -0.34 1.71
N MET A 106 10.38 -0.88 2.92
CA MET A 106 9.66 -0.36 4.08
C MET A 106 10.04 1.06 4.49
N ILE A 107 11.34 1.38 4.35
CA ILE A 107 11.83 2.68 4.78
C ILE A 107 11.41 3.76 3.79
N GLN A 108 11.49 3.43 2.50
CA GLN A 108 10.95 4.27 1.43
C GLN A 108 9.48 4.64 1.65
N ALA A 109 8.68 3.63 1.96
CA ALA A 109 7.25 3.83 2.15
C ALA A 109 6.90 4.59 3.42
N VAL A 110 7.55 4.23 4.51
CA VAL A 110 7.22 4.77 5.82
C VAL A 110 7.76 6.18 5.98
N SER A 111 8.89 6.44 5.35
CA SER A 111 9.51 7.75 5.46
C SER A 111 8.76 8.76 4.62
N LYS A 112 8.01 8.23 3.65
CA LYS A 112 7.26 9.07 2.73
C LYS A 112 5.91 9.42 3.32
N GLU A 113 5.29 8.45 3.98
CA GLU A 113 3.92 8.65 4.48
C GLU A 113 3.81 8.97 5.98
N VAL A 114 4.90 8.85 6.73
CA VAL A 114 4.90 9.15 8.16
C VAL A 114 6.05 10.10 8.52
N LYS A 115 5.69 11.27 9.05
CA LYS A 115 6.63 12.35 9.31
C LYS A 115 7.28 12.24 10.69
N LEU A 116 8.28 11.38 10.78
CA LEU A 116 8.85 10.95 12.03
C LEU A 116 10.18 10.36 11.66
N PRO A 117 11.19 10.53 12.52
CA PRO A 117 12.48 9.91 12.19
C PRO A 117 12.43 8.39 12.26
N ILE A 118 13.19 7.76 11.39
CA ILE A 118 13.23 6.30 11.28
C ILE A 118 14.61 5.79 11.64
N SER A 119 14.67 4.80 12.51
CA SER A 119 15.91 4.09 12.78
C SER A 119 15.88 2.69 12.16
N ILE A 120 17.04 2.23 11.69
CA ILE A 120 17.15 0.90 11.11
C ILE A 120 17.78 -0.07 12.10
N ASP A 121 17.02 -1.09 12.48
CA ASP A 121 17.44 -2.02 13.51
C ASP A 121 18.34 -3.11 12.96
N THR A 122 19.61 -2.77 12.74
CA THR A 122 20.59 -3.72 12.22
C THR A 122 21.93 -3.60 12.94
N TYR A 123 22.87 -4.47 12.57
CA TYR A 123 24.26 -4.40 13.00
C TYR A 123 25.23 -4.50 11.81
N LYS A 124 24.71 -4.89 10.66
CA LYS A 124 25.50 -5.06 9.43
C LYS A 124 25.77 -3.74 8.74
N ALA A 125 27.00 -3.56 8.29
CA ALA A 125 27.46 -2.27 7.79
C ALA A 125 26.76 -1.88 6.51
N GLU A 126 26.68 -2.84 5.59
CA GLU A 126 26.06 -2.61 4.29
C GLU A 126 24.57 -2.32 4.45
N VAL A 127 23.89 -3.11 5.25
CA VAL A 127 22.46 -2.90 5.49
C VAL A 127 22.22 -1.47 5.97
N ALA A 128 23.10 -0.98 6.84
CA ALA A 128 22.95 0.34 7.44
C ALA A 128 23.09 1.44 6.40
N LYS A 129 24.14 1.34 5.59
CA LYS A 129 24.32 2.26 4.47
C LYS A 129 23.07 2.28 3.57
N GLN A 130 22.68 1.12 3.05
CA GLN A 130 21.52 1.05 2.15
C GLN A 130 20.28 1.71 2.77
N ALA A 131 20.07 1.47 4.06
CA ALA A 131 18.89 1.96 4.78
C ALA A 131 18.87 3.47 4.99
N ILE A 132 20.05 4.07 5.11
CA ILE A 132 20.12 5.52 5.29
C ILE A 132 19.87 6.19 3.93
N GLU A 133 20.36 5.54 2.88
CA GLU A 133 20.08 5.94 1.50
C GLU A 133 18.58 5.82 1.21
N ALA A 134 17.99 4.74 1.69
CA ALA A 134 16.56 4.55 1.54
C ALA A 134 15.75 5.56 2.37
N GLY A 135 16.36 6.18 3.36
CA GLY A 135 15.66 7.18 4.14
C GLY A 135 15.66 7.06 5.66
N ALA A 136 16.43 6.12 6.20
CA ALA A 136 16.55 5.96 7.64
C ALA A 136 17.43 7.06 8.28
N HIS A 137 17.00 7.58 9.44
CA HIS A 137 17.66 8.71 10.10
C HIS A 137 18.65 8.33 11.19
N ILE A 138 18.40 7.21 11.85
CA ILE A 138 19.18 6.78 13.01
C ILE A 138 19.63 5.35 12.81
N ILE A 139 20.76 5.00 13.38
CA ILE A 139 21.15 3.59 13.37
C ILE A 139 20.95 2.99 14.76
N ASN A 140 20.52 1.74 14.79
CA ASN A 140 20.27 1.04 16.03
C ASN A 140 20.97 -0.30 16.03
N ASP A 141 22.21 -0.34 16.51
CA ASP A 141 23.01 -1.57 16.45
C ASP A 141 22.96 -2.33 17.77
N ILE A 142 22.56 -3.59 17.69
CA ILE A 142 22.39 -4.42 18.88
C ILE A 142 23.72 -5.07 19.29
N TRP A 143 24.77 -4.82 18.53
CA TRP A 143 26.09 -5.36 18.88
C TRP A 143 27.09 -4.27 19.19
N GLY A 144 26.64 -3.03 19.20
CA GLY A 144 27.47 -1.90 19.59
C GLY A 144 28.76 -1.79 18.79
N ALA A 145 28.65 -1.91 17.47
CA ALA A 145 29.77 -1.71 16.56
C ALA A 145 30.83 -2.81 16.61
N LYS A 146 30.54 -3.86 17.38
CA LYS A 146 31.50 -4.93 17.60
C LYS A 146 31.42 -6.14 16.65
N ALA A 147 30.27 -6.38 16.03
CA ALA A 147 30.15 -7.47 15.07
C ALA A 147 30.71 -7.06 13.72
N GLU A 148 30.57 -5.78 13.40
CA GLU A 148 31.00 -5.24 12.12
C GLU A 148 31.39 -3.78 12.31
N PRO A 149 32.64 -3.56 12.78
CA PRO A 149 33.19 -2.24 13.14
C PRO A 149 32.95 -1.17 12.06
N LYS A 150 32.93 -1.61 10.80
CA LYS A 150 32.71 -0.72 9.66
C LYS A 150 31.36 0.01 9.68
N ILE A 151 30.43 -0.48 10.52
CA ILE A 151 29.13 0.16 10.64
C ILE A 151 29.27 1.54 11.23
N ALA A 152 30.23 1.70 12.13
CA ALA A 152 30.47 2.96 12.81
C ALA A 152 30.93 3.96 11.78
N GLU A 153 31.78 3.50 10.86
CA GLU A 153 32.26 4.34 9.77
C GLU A 153 31.10 4.79 8.87
N VAL A 154 30.10 3.95 8.69
CA VAL A 154 28.88 4.37 8.01
C VAL A 154 28.26 5.52 8.79
N ALA A 155 28.11 5.35 10.10
CA ALA A 155 27.52 6.37 10.97
C ALA A 155 28.22 7.73 10.89
N ALA A 156 29.54 7.71 11.00
CA ALA A 156 30.35 8.92 10.93
C ALA A 156 30.16 9.60 9.58
N HIS A 157 30.21 8.76 8.55
CA HIS A 157 30.03 9.20 7.16
C HIS A 157 28.73 9.99 6.91
N TYR A 158 27.59 9.39 7.22
CA TYR A 158 26.31 10.04 6.99
C TYR A 158 25.91 10.99 8.12
N ASP A 159 26.74 11.06 9.16
CA ASP A 159 26.53 11.97 10.28
C ASP A 159 25.21 11.71 11.02
N VAL A 160 24.82 10.44 11.13
CA VAL A 160 23.56 10.08 11.80
C VAL A 160 23.77 9.61 13.24
N PRO A 161 22.73 9.75 14.08
CA PRO A 161 22.80 9.26 15.46
C PRO A 161 22.91 7.75 15.47
N ILE A 162 23.68 7.22 16.41
CA ILE A 162 23.81 5.77 16.52
C ILE A 162 23.51 5.27 17.93
N ILE A 163 22.74 4.19 18.01
CA ILE A 163 22.51 3.53 19.28
C ILE A 163 23.42 2.33 19.42
N LEU A 164 24.28 2.40 20.42
CA LEU A 164 25.15 1.30 20.78
C LEU A 164 24.51 0.56 21.95
N MET A 165 24.09 -0.67 21.70
CA MET A 165 23.52 -1.51 22.74
C MET A 165 24.59 -2.41 23.33
N HIS A 166 24.46 -2.74 24.62
CA HIS A 166 25.37 -3.69 25.22
C HIS A 166 25.09 -5.14 24.81
N ASN A 167 26.13 -5.85 24.41
CA ASN A 167 26.00 -7.23 24.01
C ASN A 167 27.33 -7.95 24.14
N ARG A 168 27.26 -9.27 24.20
CA ARG A 168 28.45 -10.11 24.27
C ARG A 168 28.01 -11.56 24.16
N ASP A 169 28.96 -12.44 23.86
CA ASP A 169 28.63 -13.82 23.55
C ASP A 169 28.68 -14.74 24.76
N ASN A 170 28.68 -14.16 25.97
CA ASN A 170 28.67 -14.95 27.22
C ASN A 170 28.01 -14.22 28.40
N MET A 171 27.82 -14.93 29.52
CA MET A 171 27.28 -14.31 30.73
C MET A 171 28.29 -14.34 31.88
N ASN A 172 29.56 -14.44 31.52
CA ASN A 172 30.60 -14.65 32.52
C ASN A 172 31.16 -13.35 33.07
N TYR A 173 30.37 -12.72 33.92
CA TYR A 173 30.70 -11.42 34.45
C TYR A 173 31.47 -11.54 35.74
N ARG A 174 32.41 -10.64 35.94
CA ARG A 174 32.98 -10.46 37.24
C ARG A 174 31.92 -9.71 38.02
N ASN A 175 31.70 -8.47 37.60
CA ASN A 175 30.80 -7.55 38.25
C ASN A 175 29.92 -6.90 37.18
N LEU A 176 28.65 -7.34 37.13
CA LEU A 176 27.72 -7.01 36.04
C LEU A 176 27.78 -5.58 35.50
N MET A 177 27.36 -4.62 36.34
CA MET A 177 27.32 -3.21 35.94
C MET A 177 28.65 -2.71 35.42
N ALA A 178 29.72 -3.03 36.15
CA ALA A 178 31.06 -2.55 35.86
C ALA A 178 31.56 -3.03 34.51
N ASP A 179 31.39 -4.33 34.27
CA ASP A 179 31.65 -4.93 32.97
C ASP A 179 30.76 -4.33 31.86
N MET A 180 29.47 -4.14 32.12
CA MET A 180 28.63 -3.44 31.15
C MET A 180 29.27 -2.13 30.75
N ILE A 181 29.41 -1.22 31.72
CA ILE A 181 30.06 0.06 31.47
C ILE A 181 31.38 -0.07 30.73
N ALA A 182 32.21 -1.05 31.08
CA ALA A 182 33.45 -1.23 30.33
C ALA A 182 33.12 -1.68 28.89
N ASP A 183 32.18 -2.61 28.76
CA ASP A 183 31.74 -3.12 27.45
C ASP A 183 31.17 -2.04 26.52
N LEU A 184 30.25 -1.23 27.03
CA LEU A 184 29.72 -0.11 26.26
C LEU A 184 30.81 0.88 25.88
N TYR A 185 31.69 1.19 26.84
CA TYR A 185 32.78 2.12 26.56
C TYR A 185 33.66 1.64 25.41
N ASP A 186 33.80 0.32 25.28
CA ASP A 186 34.52 -0.26 24.16
C ASP A 186 33.79 0.00 22.85
N SER A 187 32.47 0.13 22.91
CA SER A 187 31.68 0.48 21.73
C SER A 187 31.86 1.94 21.40
N ILE A 188 31.98 2.76 22.44
CA ILE A 188 32.19 4.18 22.23
C ILE A 188 33.56 4.44 21.61
N LYS A 189 34.54 3.60 21.91
CA LYS A 189 35.90 3.84 21.44
C LYS A 189 36.00 3.48 19.95
N ILE A 190 35.26 2.44 19.58
CA ILE A 190 35.18 2.01 18.20
C ILE A 190 34.46 3.07 17.38
N ALA A 191 33.43 3.64 17.98
CA ALA A 191 32.62 4.65 17.30
C ALA A 191 33.39 5.97 17.14
N LYS A 192 34.00 6.44 18.23
CA LYS A 192 34.83 7.65 18.19
C LYS A 192 36.05 7.54 17.27
N ASP A 193 36.69 6.40 17.27
CA ASP A 193 37.85 6.23 16.39
C ASP A 193 37.42 6.27 14.93
N ALA A 194 36.16 5.93 14.68
CA ALA A 194 35.60 5.98 13.33
C ALA A 194 35.11 7.38 12.91
N GLY A 195 35.25 8.36 13.79
CA GLY A 195 34.77 9.70 13.50
C GLY A 195 33.36 10.07 13.96
N VAL A 196 32.67 9.17 14.67
CA VAL A 196 31.34 9.51 15.20
C VAL A 196 31.45 10.59 16.28
N ARG A 197 30.70 11.69 16.10
CA ARG A 197 30.72 12.80 17.06
C ARG A 197 29.97 12.48 18.36
N ASP A 198 30.54 12.89 19.49
CA ASP A 198 29.92 12.69 20.81
C ASP A 198 28.39 12.84 20.82
N GLU A 199 27.88 13.81 20.08
CA GLU A 199 26.45 14.15 20.13
C GLU A 199 25.57 13.17 19.37
N ASN A 200 26.19 12.39 18.50
CA ASN A 200 25.45 11.39 17.76
C ASN A 200 25.58 10.02 18.40
N ILE A 201 25.92 9.99 19.69
CA ILE A 201 26.03 8.72 20.40
C ILE A 201 24.93 8.52 21.44
N ILE A 202 24.29 7.34 21.36
CA ILE A 202 23.25 6.93 22.30
C ILE A 202 23.57 5.53 22.79
N LEU A 203 23.31 5.27 24.08
CA LEU A 203 23.65 4.01 24.72
C LEU A 203 22.39 3.23 25.10
N ASP A 204 22.52 1.90 25.19
CA ASP A 204 21.41 1.04 25.57
C ASP A 204 21.96 -0.16 26.35
N PRO A 205 21.47 -0.36 27.58
CA PRO A 205 22.10 -1.34 28.48
C PRO A 205 22.00 -2.79 27.96
N GLY A 206 21.12 -3.04 26.98
CA GLY A 206 21.02 -4.35 26.35
C GLY A 206 20.24 -5.37 27.15
N ILE A 207 19.15 -4.92 27.75
CA ILE A 207 18.28 -5.78 28.53
C ILE A 207 17.82 -6.98 27.70
N GLY A 208 17.97 -8.18 28.26
CA GLY A 208 17.56 -9.37 27.56
C GLY A 208 18.67 -9.98 26.73
N PHE A 209 19.84 -9.37 26.75
CA PHE A 209 20.96 -9.92 26.00
C PHE A 209 22.10 -10.31 26.91
N ALA A 210 22.60 -11.53 26.73
CA ALA A 210 23.78 -12.00 27.43
C ALA A 210 23.61 -11.85 28.94
N LYS A 211 22.35 -11.83 29.38
CA LYS A 211 22.05 -11.67 30.79
C LYS A 211 20.98 -12.68 31.21
N THR A 212 21.21 -13.26 32.38
CA THR A 212 20.28 -14.21 33.00
C THR A 212 19.08 -13.44 33.54
N PRO A 213 17.97 -14.15 33.82
CA PRO A 213 16.84 -13.43 34.38
C PRO A 213 17.22 -12.51 35.53
N GLU A 214 18.08 -12.98 36.43
CA GLU A 214 18.41 -12.22 37.64
C GLU A 214 19.37 -11.06 37.35
N GLN A 215 20.22 -11.24 36.35
CA GLN A 215 21.13 -10.18 35.96
C GLN A 215 20.42 -9.04 35.25
N ASN A 216 19.29 -9.36 34.60
CA ASN A 216 18.45 -8.33 33.97
C ASN A 216 17.78 -7.44 35.01
N LEU A 217 17.22 -8.04 36.06
CA LEU A 217 16.69 -7.26 37.18
C LEU A 217 17.75 -6.38 37.79
N GLU A 218 18.99 -6.85 37.78
CA GLU A 218 20.10 -6.13 38.40
C GLU A 218 20.52 -4.94 37.56
N ALA A 219 20.56 -5.15 36.25
CA ALA A 219 20.81 -4.06 35.32
C ALA A 219 19.71 -2.99 35.43
N MET A 220 18.46 -3.41 35.57
CA MET A 220 17.39 -2.46 35.81
C MET A 220 17.66 -1.69 37.09
N ARG A 221 17.91 -2.42 38.18
CA ARG A 221 18.02 -1.81 39.48
C ARG A 221 19.21 -0.82 39.54
N ASN A 222 20.20 -1.02 38.69
CA ASN A 222 21.35 -0.13 38.65
C ASN A 222 21.50 0.72 37.38
N LEU A 223 20.41 0.90 36.66
CA LEU A 223 20.46 1.63 35.39
C LEU A 223 21.08 3.02 35.47
N GLU A 224 20.96 3.70 36.62
CA GLU A 224 21.43 5.08 36.69
C GLU A 224 22.94 5.20 36.52
N GLN A 225 23.66 4.13 36.84
CA GLN A 225 25.11 4.13 36.72
C GLN A 225 25.56 4.42 35.29
N LEU A 226 24.72 4.05 34.32
CA LEU A 226 25.05 4.24 32.91
C LEU A 226 25.21 5.71 32.61
N ASN A 227 24.49 6.52 33.38
CA ASN A 227 24.52 7.98 33.21
C ASN A 227 25.91 8.60 33.33
N VAL A 228 26.79 7.99 34.12
CA VAL A 228 28.08 8.60 34.34
C VAL A 228 28.90 8.71 33.06
N LEU A 229 28.52 7.95 32.04
CA LEU A 229 29.25 7.97 30.78
C LEU A 229 28.99 9.22 29.94
N GLY A 230 27.97 9.99 30.33
CA GLY A 230 27.65 11.25 29.69
C GLY A 230 26.82 11.19 28.39
N TYR A 231 26.12 10.10 28.15
CA TYR A 231 25.26 9.99 26.96
C TYR A 231 23.79 9.74 27.23
N PRO A 232 22.95 10.07 26.24
CA PRO A 232 21.54 9.65 26.23
C PRO A 232 21.45 8.13 26.32
N VAL A 233 20.43 7.64 27.02
CA VAL A 233 20.24 6.20 27.17
C VAL A 233 18.87 5.76 26.67
N LEU A 234 18.89 4.75 25.80
CA LEU A 234 17.67 4.13 25.34
C LEU A 234 17.46 2.80 26.04
N LEU A 235 16.32 2.67 26.71
CA LEU A 235 15.95 1.41 27.37
C LEU A 235 14.93 0.61 26.54
N GLY A 236 15.25 -0.66 26.28
CA GLY A 236 14.37 -1.51 25.50
C GLY A 236 14.07 -2.81 26.23
N THR A 237 12.93 -2.84 26.90
CA THR A 237 12.54 -3.99 27.71
C THR A 237 11.21 -4.65 27.24
N SER A 238 10.57 -4.07 26.24
CA SER A 238 9.19 -4.42 25.89
C SER A 238 8.92 -5.92 25.81
N ARG A 239 8.01 -6.38 26.67
CA ARG A 239 7.44 -7.73 26.55
C ARG A 239 8.45 -8.86 26.63
N LYS A 240 9.63 -8.56 27.15
CA LYS A 240 10.74 -9.49 27.11
C LYS A 240 10.62 -10.64 28.10
N SER A 241 11.32 -11.71 27.76
CA SER A 241 11.39 -12.92 28.55
C SER A 241 11.48 -12.73 30.07
N PHE A 242 12.30 -11.80 30.55
CA PHE A 242 12.49 -11.68 31.99
C PHE A 242 11.29 -11.15 32.75
N ILE A 243 10.36 -10.54 32.02
CA ILE A 243 9.13 -10.05 32.60
C ILE A 243 8.21 -11.24 32.73
N GLY A 244 8.37 -12.16 31.78
CA GLY A 244 7.65 -13.42 31.81
C GLY A 244 8.10 -14.23 33.00
N HIS A 245 9.39 -14.17 33.32
CA HIS A 245 9.96 -15.02 34.34
C HIS A 245 9.57 -14.55 35.73
N VAL A 246 9.32 -13.26 35.88
CA VAL A 246 8.97 -12.72 37.18
C VAL A 246 7.49 -12.86 37.39
N LEU A 247 6.72 -12.51 36.36
CA LEU A 247 5.27 -12.54 36.43
C LEU A 247 4.66 -13.90 36.06
N ASP A 248 5.48 -14.79 35.49
CA ASP A 248 5.02 -16.08 34.97
C ASP A 248 3.83 -15.88 34.04
N LEU A 249 4.08 -15.08 33.01
CA LEU A 249 3.07 -14.71 32.04
C LEU A 249 3.64 -14.82 30.64
N PRO A 250 2.80 -15.23 29.68
CA PRO A 250 3.26 -15.30 28.29
C PRO A 250 3.35 -13.92 27.67
N VAL A 251 4.02 -13.85 26.52
CA VAL A 251 4.36 -12.60 25.86
C VAL A 251 3.20 -11.62 25.67
N GLU A 252 2.00 -12.11 25.36
CA GLU A 252 0.90 -11.19 25.10
C GLU A 252 0.32 -10.60 26.37
N GLU A 253 0.77 -11.08 27.53
CA GLU A 253 0.30 -10.54 28.82
C GLU A 253 1.39 -9.80 29.60
N ARG A 254 2.31 -9.13 28.92
CA ARG A 254 3.42 -8.49 29.60
C ARG A 254 3.36 -6.96 29.56
N LEU A 255 2.17 -6.43 29.32
CA LEU A 255 1.98 -4.99 29.19
C LEU A 255 2.21 -4.24 30.52
N GLU A 256 1.67 -4.75 31.63
CA GLU A 256 1.87 -4.17 32.95
C GLU A 256 3.30 -4.40 33.43
N GLY A 257 3.91 -5.49 32.98
CA GLY A 257 5.28 -5.76 33.34
C GLY A 257 6.19 -4.75 32.65
N THR A 258 5.90 -4.51 31.36
CA THR A 258 6.68 -3.55 30.58
C THR A 258 6.52 -2.15 31.15
N GLY A 259 5.29 -1.82 31.56
CA GLY A 259 5.05 -0.52 32.15
C GLY A 259 6.01 -0.30 33.29
N ALA A 260 6.10 -1.28 34.18
CA ALA A 260 6.92 -1.17 35.37
C ALA A 260 8.31 -0.79 34.95
N THR A 261 8.89 -1.57 34.05
CA THR A 261 10.28 -1.37 33.64
C THR A 261 10.50 0.03 33.04
N VAL A 262 9.55 0.47 32.20
CA VAL A 262 9.58 1.81 31.62
C VAL A 262 9.56 2.89 32.70
N CYS A 263 8.67 2.75 33.67
CA CYS A 263 8.62 3.75 34.74
C CYS A 263 9.93 3.78 35.51
N LEU A 264 10.43 2.60 35.87
CA LEU A 264 11.65 2.54 36.63
C LEU A 264 12.77 3.21 35.85
N GLY A 265 12.81 2.96 34.54
CA GLY A 265 13.87 3.48 33.70
C GLY A 265 13.83 4.98 33.49
N ILE A 266 12.65 5.52 33.30
CA ILE A 266 12.52 6.98 33.22
C ILE A 266 12.99 7.65 34.51
N GLU A 267 12.62 7.07 35.64
CA GLU A 267 12.97 7.59 36.96
C GLU A 267 14.49 7.50 37.17
N LYS A 268 15.14 6.59 36.44
CA LYS A 268 16.57 6.42 36.52
C LYS A 268 17.29 7.13 35.37
N GLY A 269 16.57 8.04 34.72
CA GLY A 269 17.18 8.95 33.76
C GLY A 269 17.29 8.55 32.30
N CYS A 270 16.40 7.71 31.80
CA CYS A 270 16.48 7.37 30.37
C CYS A 270 15.84 8.42 29.44
N GLU A 271 16.44 8.61 28.28
CA GLU A 271 15.94 9.59 27.34
C GLU A 271 14.96 8.97 26.31
N PHE A 272 15.09 7.67 26.06
CA PHE A 272 14.24 6.94 25.15
C PHE A 272 13.75 5.64 25.77
N VAL A 273 12.61 5.16 25.29
CA VAL A 273 12.16 3.80 25.57
C VAL A 273 11.60 3.24 24.25
N ARG A 274 11.94 1.99 23.98
CA ARG A 274 11.57 1.31 22.75
C ARG A 274 10.53 0.26 23.08
N VAL A 275 9.32 0.42 22.57
CA VAL A 275 8.17 -0.33 23.05
C VAL A 275 7.27 -0.80 21.92
N HIS A 276 6.46 -1.82 22.20
CA HIS A 276 5.49 -2.35 21.25
C HIS A 276 4.18 -1.59 21.41
N ASP A 277 3.74 -1.49 22.67
CA ASP A 277 2.45 -0.90 23.01
C ASP A 277 2.54 0.61 23.15
N VAL A 278 2.78 1.29 22.04
CA VAL A 278 2.92 2.75 22.05
C VAL A 278 1.85 3.53 22.82
N LYS A 279 0.56 3.24 22.59
CA LYS A 279 -0.47 4.00 23.30
C LYS A 279 -0.25 3.95 24.81
N GLU A 280 -0.16 2.74 25.36
CA GLU A 280 -0.10 2.58 26.81
C GLU A 280 1.15 3.20 27.39
N MET A 281 2.29 2.92 26.78
CA MET A 281 3.57 3.41 27.29
C MET A 281 3.74 4.92 27.18
N SER A 282 3.09 5.54 26.19
CA SER A 282 3.17 7.00 26.03
C SER A 282 2.50 7.69 27.20
N ARG A 283 1.32 7.21 27.55
CA ARG A 283 0.63 7.75 28.70
C ARG A 283 1.45 7.56 29.96
N MET A 284 2.05 6.39 30.10
CA MET A 284 2.83 6.09 31.29
C MET A 284 4.05 7.01 31.35
N ALA A 285 4.77 7.11 30.24
CA ALA A 285 5.89 8.03 30.14
C ALA A 285 5.53 9.46 30.55
N LYS A 286 4.45 10.00 29.97
CA LYS A 286 4.00 11.35 30.28
C LYS A 286 3.61 11.54 31.72
N MET A 287 2.96 10.55 32.32
CA MET A 287 2.72 10.69 33.75
C MET A 287 4.05 10.70 34.51
N MET A 288 4.95 9.81 34.16
CA MET A 288 6.26 9.83 34.81
C MET A 288 6.87 11.21 34.69
N ASP A 289 7.03 11.69 33.46
CA ASP A 289 7.62 13.00 33.21
C ASP A 289 6.99 14.12 34.05
N ALA A 290 5.67 14.10 34.21
CA ALA A 290 5.02 15.11 35.05
C ALA A 290 5.59 15.02 36.45
N MET A 291 5.70 13.80 36.95
CA MET A 291 6.11 13.58 38.31
C MET A 291 7.55 13.90 38.59
N ILE A 292 8.50 13.41 37.79
CA ILE A 292 9.90 13.68 38.09
C ILE A 292 10.27 15.14 37.80
N GLY A 293 9.36 15.86 37.13
CA GLY A 293 9.59 17.27 36.87
C GLY A 293 10.43 17.45 35.62
N LYS A 294 10.06 16.74 34.57
CA LYS A 294 10.80 16.76 33.32
C LYS A 294 10.07 17.61 32.28
N LYS B 22 -38.29 0.64 -17.63
CA LYS B 22 -37.71 0.31 -18.92
C LYS B 22 -36.88 -0.99 -18.92
N TRP B 23 -35.78 -1.05 -18.15
CA TRP B 23 -35.16 -2.36 -17.91
C TRP B 23 -35.86 -3.01 -16.73
N ASP B 24 -36.31 -4.24 -16.90
CA ASP B 24 -37.03 -4.92 -15.81
C ASP B 24 -36.15 -5.78 -14.91
N TYR B 25 -34.83 -5.59 -14.98
CA TYR B 25 -33.95 -6.32 -14.09
C TYR B 25 -32.70 -5.53 -13.68
N ASP B 26 -32.09 -5.93 -12.57
CA ASP B 26 -30.85 -5.30 -12.09
C ASP B 26 -29.62 -6.09 -12.48
N LEU B 27 -28.55 -5.38 -12.80
CA LEU B 27 -27.27 -6.01 -13.04
C LEU B 27 -26.75 -6.55 -11.71
N ARG B 28 -26.76 -7.88 -11.55
CA ARG B 28 -26.35 -8.52 -10.32
C ARG B 28 -24.88 -8.94 -10.37
N CYS B 29 -24.06 -8.31 -9.53
CA CYS B 29 -22.63 -8.62 -9.45
C CYS B 29 -22.14 -8.75 -8.01
N GLY B 30 -22.30 -9.93 -7.42
CA GLY B 30 -21.80 -10.20 -6.08
C GLY B 30 -22.55 -9.45 -5.00
N GLU B 31 -21.81 -8.66 -4.21
CA GLU B 31 -22.39 -7.90 -3.11
C GLU B 31 -23.07 -6.61 -3.56
N TYR B 32 -22.65 -6.09 -4.70
CA TYR B 32 -23.22 -4.87 -5.26
C TYR B 32 -24.22 -5.15 -6.36
N THR B 33 -25.15 -4.21 -6.51
CA THR B 33 -26.24 -4.35 -7.46
C THR B 33 -26.35 -3.08 -8.30
N LEU B 34 -26.38 -3.24 -9.62
CA LEU B 34 -26.36 -2.09 -10.51
C LEU B 34 -27.69 -1.83 -11.24
N ASN B 35 -28.39 -0.77 -10.82
CA ASN B 35 -29.62 -0.35 -11.47
C ASN B 35 -29.37 0.36 -12.81
N LEU B 36 -30.08 -0.10 -13.85
CA LEU B 36 -29.84 0.38 -15.21
C LEU B 36 -30.76 1.51 -15.60
N ASN B 37 -31.77 1.77 -14.77
CA ASN B 37 -32.73 2.81 -15.10
C ASN B 37 -32.45 4.15 -14.44
N GLU B 38 -31.81 4.07 -13.27
CA GLU B 38 -31.58 5.24 -12.44
C GLU B 38 -30.68 6.25 -13.17
N LYS B 39 -29.51 5.81 -13.63
CA LYS B 39 -28.61 6.74 -14.27
C LYS B 39 -27.59 6.01 -15.13
N THR B 40 -26.92 6.74 -16.01
CA THR B 40 -25.72 6.26 -16.67
C THR B 40 -24.66 5.81 -15.65
N LEU B 41 -24.18 4.58 -15.82
CA LEU B 41 -23.15 4.00 -14.96
C LEU B 41 -21.76 4.31 -15.51
N ILE B 42 -20.87 4.80 -14.66
CA ILE B 42 -19.56 5.22 -15.11
C ILE B 42 -18.54 4.16 -14.72
N MET B 43 -17.90 3.58 -15.73
CA MET B 43 -16.76 2.68 -15.50
C MET B 43 -15.43 3.42 -15.65
N GLY B 44 -14.75 3.65 -14.53
CA GLY B 44 -13.47 4.34 -14.53
C GLY B 44 -12.34 3.40 -14.86
N ILE B 45 -11.39 3.89 -15.66
CA ILE B 45 -10.27 3.09 -16.11
C ILE B 45 -9.06 3.24 -15.17
N LEU B 46 -8.57 2.12 -14.67
CA LEU B 46 -7.49 2.11 -13.73
C LEU B 46 -6.13 2.13 -14.43
N ASN B 47 -5.16 2.80 -13.79
CA ASN B 47 -3.78 2.88 -14.26
C ASN B 47 -2.99 1.61 -13.93
N SER B 58 4.22 -5.74 -5.93
CA SER B 58 5.09 -4.66 -5.45
C SER B 58 4.25 -3.57 -4.81
N TYR B 59 4.84 -2.83 -3.89
CA TYR B 59 4.07 -1.87 -3.11
C TYR B 59 3.67 -0.64 -3.92
N ASN B 60 4.58 -0.17 -4.76
CA ASN B 60 4.33 1.06 -5.50
C ASN B 60 3.19 0.95 -6.51
N GLU B 61 3.27 0.01 -7.46
CA GLU B 61 2.20 -0.07 -8.43
C GLU B 61 0.85 -0.31 -7.76
N VAL B 62 0.79 -1.33 -6.90
CA VAL B 62 -0.48 -1.72 -6.29
C VAL B 62 -1.04 -0.62 -5.40
N ASP B 63 -0.18 0.26 -4.92
CA ASP B 63 -0.66 1.29 -4.00
C ASP B 63 -1.17 2.49 -4.78
N ALA B 64 -0.43 2.86 -5.81
CA ALA B 64 -0.85 3.91 -6.72
C ALA B 64 -2.20 3.54 -7.31
N ALA B 65 -2.40 2.24 -7.52
CA ALA B 65 -3.64 1.73 -8.10
C ALA B 65 -4.84 1.89 -7.15
N VAL B 66 -4.66 1.46 -5.90
CA VAL B 66 -5.67 1.61 -4.87
C VAL B 66 -6.04 3.09 -4.72
N ARG B 67 -5.04 3.94 -4.86
CA ARG B 67 -5.23 5.36 -4.64
C ARG B 67 -6.08 5.90 -5.78
N HIS B 68 -5.75 5.49 -6.99
CA HIS B 68 -6.48 5.92 -8.18
C HIS B 68 -7.92 5.46 -8.10
N ALA B 69 -8.13 4.19 -7.77
CA ALA B 69 -9.46 3.65 -7.56
C ALA B 69 -10.26 4.46 -6.56
N LYS B 70 -9.63 4.82 -5.45
CA LYS B 70 -10.31 5.57 -4.39
C LYS B 70 -10.70 6.95 -4.87
N GLU B 71 -9.86 7.49 -5.74
CA GLU B 71 -10.07 8.80 -6.32
C GLU B 71 -11.24 8.73 -7.30
N MET B 72 -11.15 7.80 -8.24
CA MET B 72 -12.25 7.56 -9.16
C MET B 72 -13.53 7.27 -8.38
N ARG B 73 -13.43 6.54 -7.28
CA ARG B 73 -14.61 6.28 -6.45
C ARG B 73 -15.20 7.60 -5.94
N ASP B 74 -14.33 8.52 -5.53
CA ASP B 74 -14.79 9.79 -4.98
C ASP B 74 -15.26 10.75 -6.08
N GLU B 75 -14.79 10.53 -7.30
CA GLU B 75 -15.17 11.36 -8.44
C GLU B 75 -16.49 10.91 -9.11
N GLY B 76 -16.94 9.69 -8.80
CA GLY B 76 -18.25 9.25 -9.24
C GLY B 76 -18.28 7.99 -10.09
N ALA B 77 -17.23 7.19 -9.98
CA ALA B 77 -17.17 5.93 -10.69
C ALA B 77 -18.01 4.91 -9.95
N HIS B 78 -18.77 4.11 -10.71
CA HIS B 78 -19.66 3.07 -10.18
C HIS B 78 -19.06 1.70 -10.42
N ILE B 79 -18.05 1.67 -11.27
CA ILE B 79 -17.29 0.45 -11.56
C ILE B 79 -15.83 0.79 -11.75
N ILE B 80 -14.95 -0.14 -11.38
CA ILE B 80 -13.53 0.01 -11.67
C ILE B 80 -13.06 -1.05 -12.66
N ASP B 81 -12.51 -0.62 -13.79
CA ASP B 81 -12.04 -1.57 -14.78
C ASP B 81 -10.53 -1.74 -14.67
N ILE B 82 -10.07 -2.98 -14.56
CA ILE B 82 -8.66 -3.24 -14.32
C ILE B 82 -8.07 -4.18 -15.35
N GLY B 83 -7.12 -3.68 -16.14
CA GLY B 83 -6.47 -4.49 -17.16
C GLY B 83 -5.16 -3.91 -17.63
N SER B 95 1.18 -12.92 -22.58
CA SER B 95 1.95 -13.37 -21.42
C SER B 95 0.97 -13.81 -20.32
N VAL B 96 0.71 -15.10 -20.26
CA VAL B 96 -0.42 -15.61 -19.49
C VAL B 96 -0.16 -15.74 -17.98
N GLU B 97 1.06 -16.12 -17.60
CA GLU B 97 1.42 -16.19 -16.19
C GLU B 97 1.53 -14.79 -15.62
N GLU B 98 2.22 -13.92 -16.36
CA GLU B 98 2.49 -12.56 -15.91
C GLU B 98 1.23 -11.74 -15.71
N GLU B 99 0.35 -11.75 -16.72
CA GLU B 99 -0.87 -10.99 -16.60
C GLU B 99 -1.53 -11.30 -15.26
N ILE B 100 -1.41 -12.56 -14.83
CA ILE B 100 -2.04 -12.99 -13.59
C ILE B 100 -1.35 -12.42 -12.36
N LYS B 101 -0.03 -12.55 -12.33
CA LYS B 101 0.78 -11.99 -11.25
C LYS B 101 0.56 -10.48 -11.16
N ARG B 102 0.48 -9.84 -12.31
CA ARG B 102 0.40 -8.38 -12.38
C ARG B 102 -0.98 -7.86 -12.02
N VAL B 103 -2.03 -8.64 -12.32
CA VAL B 103 -3.40 -8.15 -12.17
C VAL B 103 -4.14 -8.66 -10.93
N VAL B 104 -3.78 -9.83 -10.43
CA VAL B 104 -4.48 -10.41 -9.29
C VAL B 104 -4.29 -9.64 -7.97
N PRO B 105 -3.03 -9.26 -7.64
CA PRO B 105 -2.79 -8.42 -6.46
C PRO B 105 -3.63 -7.14 -6.51
N MET B 106 -3.69 -6.49 -7.66
CA MET B 106 -4.50 -5.28 -7.82
C MET B 106 -5.98 -5.50 -7.49
N ILE B 107 -6.54 -6.65 -7.89
CA ILE B 107 -7.93 -6.94 -7.64
C ILE B 107 -8.21 -7.15 -6.15
N GLN B 108 -7.37 -7.96 -5.51
CA GLN B 108 -7.40 -8.15 -4.06
C GLN B 108 -7.37 -6.87 -3.25
N ALA B 109 -6.43 -6.01 -3.60
CA ALA B 109 -6.21 -4.77 -2.85
C ALA B 109 -7.38 -3.82 -3.04
N VAL B 110 -7.84 -3.71 -4.28
CA VAL B 110 -8.88 -2.76 -4.63
C VAL B 110 -10.24 -3.24 -4.14
N SER B 111 -10.49 -4.54 -4.25
CA SER B 111 -11.75 -5.12 -3.81
C SER B 111 -11.91 -4.97 -2.31
N LYS B 112 -10.79 -5.07 -1.60
CA LYS B 112 -10.79 -4.96 -0.15
C LYS B 112 -10.96 -3.51 0.24
N GLU B 113 -10.27 -2.61 -0.45
CA GLU B 113 -10.20 -1.22 -0.01
C GLU B 113 -11.21 -0.26 -0.61
N VAL B 114 -11.77 -0.60 -1.77
CA VAL B 114 -12.78 0.23 -2.45
C VAL B 114 -14.09 -0.53 -2.72
N LYS B 115 -15.18 -0.01 -2.17
CA LYS B 115 -16.49 -0.67 -2.20
C LYS B 115 -17.27 -0.37 -3.48
N LEU B 116 -16.91 -1.06 -4.56
CA LEU B 116 -17.42 -0.79 -5.89
C LEU B 116 -17.21 -2.09 -6.64
N PRO B 117 -18.07 -2.39 -7.61
CA PRO B 117 -17.72 -3.60 -8.36
C PRO B 117 -16.50 -3.41 -9.26
N ILE B 118 -15.84 -4.51 -9.59
CA ILE B 118 -14.60 -4.48 -10.33
C ILE B 118 -14.69 -5.38 -11.56
N SER B 119 -14.29 -4.86 -12.71
CA SER B 119 -14.22 -5.68 -13.90
C SER B 119 -12.80 -5.93 -14.33
N ILE B 120 -12.50 -7.20 -14.58
CA ILE B 120 -11.21 -7.62 -15.13
C ILE B 120 -11.19 -7.49 -16.66
N ASP B 121 -10.46 -6.49 -17.13
CA ASP B 121 -10.39 -6.17 -18.55
C ASP B 121 -9.47 -7.14 -19.28
N THR B 122 -9.95 -8.34 -19.55
CA THR B 122 -9.16 -9.35 -20.25
C THR B 122 -9.91 -10.03 -21.42
N TYR B 123 -9.40 -11.15 -21.91
CA TYR B 123 -10.06 -11.94 -22.94
C TYR B 123 -9.69 -13.42 -22.83
N LYS B 124 -8.76 -13.71 -21.92
CA LYS B 124 -8.25 -15.06 -21.74
C LYS B 124 -9.01 -15.80 -20.65
N ALA B 125 -9.33 -17.06 -20.93
CA ALA B 125 -10.11 -17.90 -20.02
C ALA B 125 -9.53 -17.95 -18.60
N GLU B 126 -8.22 -18.18 -18.52
CA GLU B 126 -7.56 -18.40 -17.25
C GLU B 126 -7.43 -17.14 -16.40
N VAL B 127 -7.21 -16.02 -17.07
CA VAL B 127 -7.06 -14.74 -16.40
C VAL B 127 -8.33 -14.31 -15.68
N ALA B 128 -9.48 -14.60 -16.31
CA ALA B 128 -10.77 -14.25 -15.76
C ALA B 128 -11.08 -15.08 -14.54
N LYS B 129 -10.67 -16.35 -14.59
CA LYS B 129 -10.90 -17.25 -13.46
C LYS B 129 -10.15 -16.71 -12.23
N GLN B 130 -8.83 -16.58 -12.34
CA GLN B 130 -8.04 -16.03 -11.24
C GLN B 130 -8.62 -14.72 -10.71
N ALA B 131 -9.06 -13.87 -11.63
CA ALA B 131 -9.51 -12.52 -11.29
C ALA B 131 -10.79 -12.53 -10.49
N ILE B 132 -11.67 -13.47 -10.80
CA ILE B 132 -12.96 -13.55 -10.14
C ILE B 132 -12.79 -14.22 -8.78
N GLU B 133 -11.87 -15.17 -8.71
CA GLU B 133 -11.46 -15.76 -7.44
C GLU B 133 -10.85 -14.68 -6.56
N ALA B 134 -10.09 -13.79 -7.19
CA ALA B 134 -9.44 -12.68 -6.49
C ALA B 134 -10.43 -11.62 -5.98
N GLY B 135 -11.59 -11.50 -6.62
CA GLY B 135 -12.57 -10.53 -6.19
C GLY B 135 -13.16 -9.65 -7.29
N ALA B 136 -12.84 -9.95 -8.54
CA ALA B 136 -13.43 -9.26 -9.68
C ALA B 136 -14.87 -9.73 -9.87
N HIS B 137 -15.76 -8.83 -10.28
CA HIS B 137 -17.18 -9.08 -10.32
C HIS B 137 -17.74 -9.25 -11.74
N ILE B 138 -17.04 -8.65 -12.71
CA ILE B 138 -17.52 -8.52 -14.09
C ILE B 138 -16.39 -8.82 -15.06
N ILE B 139 -16.68 -9.57 -16.13
CA ILE B 139 -15.63 -9.79 -17.12
C ILE B 139 -15.82 -8.89 -18.34
N ASN B 140 -14.74 -8.25 -18.76
CA ASN B 140 -14.78 -7.28 -19.84
C ASN B 140 -13.95 -7.72 -21.04
N ASP B 141 -14.58 -8.34 -22.04
CA ASP B 141 -13.82 -9.02 -23.09
C ASP B 141 -13.78 -8.28 -24.42
N ILE B 142 -12.59 -7.84 -24.84
CA ILE B 142 -12.45 -7.05 -26.05
C ILE B 142 -12.46 -7.89 -27.33
N TRP B 143 -12.91 -9.14 -27.24
CA TRP B 143 -12.95 -10.00 -28.41
C TRP B 143 -14.28 -10.75 -28.44
N GLY B 144 -15.12 -10.45 -27.45
CA GLY B 144 -16.45 -11.00 -27.37
C GLY B 144 -16.46 -12.51 -27.39
N ALA B 145 -15.51 -13.11 -26.67
CA ALA B 145 -15.50 -14.55 -26.47
C ALA B 145 -15.01 -15.29 -27.70
N LYS B 146 -14.52 -14.55 -28.67
CA LYS B 146 -14.12 -15.16 -29.93
C LYS B 146 -12.65 -15.53 -29.95
N ALA B 147 -11.88 -14.93 -29.04
CA ALA B 147 -10.47 -15.22 -28.87
C ALA B 147 -10.28 -16.53 -28.14
N GLU B 148 -11.03 -16.70 -27.05
CA GLU B 148 -10.96 -17.93 -26.26
C GLU B 148 -12.33 -18.29 -25.70
N PRO B 149 -13.15 -18.99 -26.50
CA PRO B 149 -14.53 -19.31 -26.13
C PRO B 149 -14.67 -19.75 -24.66
N LYS B 150 -13.66 -20.45 -24.14
CA LYS B 150 -13.70 -20.95 -22.77
C LYS B 150 -13.90 -19.86 -21.70
N ILE B 151 -13.72 -18.61 -22.09
CA ILE B 151 -13.99 -17.52 -21.17
C ILE B 151 -15.48 -17.48 -20.83
N ALA B 152 -16.32 -17.78 -21.81
CA ALA B 152 -17.77 -17.78 -21.62
C ALA B 152 -18.18 -18.83 -20.60
N GLU B 153 -17.50 -19.97 -20.64
CA GLU B 153 -17.73 -21.03 -19.65
C GLU B 153 -17.35 -20.58 -18.24
N VAL B 154 -16.44 -19.63 -18.13
CA VAL B 154 -16.07 -19.10 -16.82
C VAL B 154 -17.16 -18.19 -16.26
N ALA B 155 -17.87 -17.50 -17.14
CA ALA B 155 -18.87 -16.54 -16.73
C ALA B 155 -20.12 -17.27 -16.28
N ALA B 156 -20.51 -18.26 -17.09
CA ALA B 156 -21.66 -19.09 -16.81
C ALA B 156 -21.47 -19.79 -15.49
N HIS B 157 -20.20 -20.02 -15.14
CA HIS B 157 -19.87 -20.77 -13.94
C HIS B 157 -19.94 -19.92 -12.68
N TYR B 158 -19.35 -18.73 -12.75
CA TYR B 158 -19.36 -17.82 -11.61
C TYR B 158 -20.61 -16.94 -11.63
N ASP B 159 -21.40 -17.06 -12.70
CA ASP B 159 -22.68 -16.37 -12.82
C ASP B 159 -22.52 -14.84 -12.85
N VAL B 160 -21.41 -14.38 -13.41
CA VAL B 160 -21.08 -12.95 -13.37
C VAL B 160 -21.35 -12.29 -14.73
N PRO B 161 -21.54 -10.96 -14.74
CA PRO B 161 -21.83 -10.23 -15.98
C PRO B 161 -20.64 -10.22 -16.92
N ILE B 162 -20.89 -10.35 -18.21
CA ILE B 162 -19.81 -10.29 -19.19
C ILE B 162 -20.06 -9.21 -20.25
N ILE B 163 -19.00 -8.55 -20.65
CA ILE B 163 -19.06 -7.53 -21.69
C ILE B 163 -18.42 -8.10 -22.93
N LEU B 164 -19.18 -8.10 -24.03
CA LEU B 164 -18.70 -8.63 -25.28
C LEU B 164 -18.52 -7.44 -26.20
N MET B 165 -17.27 -7.11 -26.47
CA MET B 165 -16.99 -5.98 -27.33
C MET B 165 -16.82 -6.38 -28.80
N HIS B 166 -17.24 -5.51 -29.70
CA HIS B 166 -17.04 -5.80 -31.11
C HIS B 166 -15.60 -5.69 -31.53
N ASN B 167 -15.06 -6.78 -32.06
CA ASN B 167 -13.73 -6.80 -32.63
C ASN B 167 -13.72 -7.71 -33.85
N ARG B 168 -12.86 -7.39 -34.82
CA ARG B 168 -12.56 -8.31 -35.92
C ARG B 168 -11.15 -7.97 -36.42
N ASP B 169 -10.62 -8.75 -37.35
CA ASP B 169 -9.23 -8.55 -37.73
C ASP B 169 -9.04 -7.88 -39.08
N ASN B 170 -10.15 -7.49 -39.72
CA ASN B 170 -10.08 -6.71 -40.95
C ASN B 170 -10.94 -5.46 -40.81
N MET B 171 -10.94 -4.59 -41.82
CA MET B 171 -11.80 -3.43 -41.77
C MET B 171 -12.70 -3.38 -43.00
N ASN B 172 -12.99 -4.55 -43.55
CA ASN B 172 -13.63 -4.61 -44.84
C ASN B 172 -15.13 -4.89 -44.71
N TYR B 173 -15.91 -3.81 -44.64
CA TYR B 173 -17.34 -3.90 -44.31
C TYR B 173 -18.26 -3.75 -45.52
N ARG B 174 -19.22 -4.66 -45.63
CA ARG B 174 -20.26 -4.52 -46.64
C ARG B 174 -21.20 -3.40 -46.24
N ASN B 175 -21.27 -3.19 -44.92
CA ASN B 175 -22.26 -2.34 -44.30
C ASN B 175 -21.93 -2.31 -42.83
N LEU B 176 -21.33 -1.22 -42.37
CA LEU B 176 -20.69 -1.20 -41.03
C LEU B 176 -21.61 -1.67 -39.90
N MET B 177 -22.70 -0.94 -39.66
CA MET B 177 -23.61 -1.24 -38.56
C MET B 177 -24.17 -2.66 -38.62
N ALA B 178 -24.67 -3.01 -39.80
CA ALA B 178 -25.27 -4.30 -40.09
C ALA B 178 -24.31 -5.44 -39.77
N ASP B 179 -23.05 -5.27 -40.19
CA ASP B 179 -22.00 -6.23 -39.94
C ASP B 179 -21.62 -6.32 -38.47
N MET B 180 -21.52 -5.16 -37.83
CA MET B 180 -21.24 -5.13 -36.39
C MET B 180 -22.29 -5.91 -35.61
N ILE B 181 -23.56 -5.66 -35.90
CA ILE B 181 -24.64 -6.37 -35.23
C ILE B 181 -24.55 -7.88 -35.49
N ALA B 182 -24.24 -8.25 -36.73
CA ALA B 182 -24.04 -9.65 -37.07
C ALA B 182 -22.89 -10.21 -36.21
N ASP B 183 -21.79 -9.45 -36.13
CA ASP B 183 -20.61 -9.87 -35.35
C ASP B 183 -20.90 -10.06 -33.86
N LEU B 184 -21.63 -9.13 -33.28
CA LEU B 184 -21.97 -9.18 -31.87
C LEU B 184 -22.82 -10.40 -31.54
N TYR B 185 -23.79 -10.71 -32.42
CA TYR B 185 -24.68 -11.86 -32.28
C TYR B 185 -23.90 -13.17 -32.19
N ASP B 186 -22.84 -13.25 -32.98
CA ASP B 186 -21.92 -14.37 -32.90
C ASP B 186 -21.31 -14.47 -31.50
N SER B 187 -20.96 -13.33 -30.90
CA SER B 187 -20.50 -13.34 -29.52
C SER B 187 -21.61 -13.82 -28.58
N ILE B 188 -22.84 -13.37 -28.81
CA ILE B 188 -23.96 -13.77 -27.96
C ILE B 188 -24.32 -15.25 -28.05
N LYS B 189 -24.17 -15.83 -29.25
CA LYS B 189 -24.39 -17.25 -29.37
C LYS B 189 -23.36 -17.99 -28.51
N ILE B 190 -22.08 -17.65 -28.68
CA ILE B 190 -21.01 -18.32 -27.93
C ILE B 190 -21.16 -18.19 -26.41
N ALA B 191 -21.75 -17.09 -25.95
CA ALA B 191 -22.01 -16.90 -24.54
C ALA B 191 -23.18 -17.76 -24.06
N LYS B 192 -24.30 -17.69 -24.78
CA LYS B 192 -25.52 -18.40 -24.39
C LYS B 192 -25.36 -19.91 -24.48
N ASP B 193 -24.72 -20.35 -25.56
CA ASP B 193 -24.43 -21.77 -25.77
C ASP B 193 -23.58 -22.32 -24.61
N ALA B 194 -22.69 -21.48 -24.07
CA ALA B 194 -21.84 -21.85 -22.95
C ALA B 194 -22.50 -21.70 -21.57
N GLY B 195 -23.70 -21.12 -21.52
CA GLY B 195 -24.45 -21.03 -20.28
C GLY B 195 -24.86 -19.65 -19.78
N VAL B 196 -24.27 -18.59 -20.34
CA VAL B 196 -24.53 -17.23 -19.85
C VAL B 196 -25.98 -16.81 -19.98
N ARG B 197 -26.63 -16.55 -18.86
CA ARG B 197 -27.99 -16.02 -18.87
C ARG B 197 -28.03 -14.67 -19.56
N ASP B 198 -29.11 -14.42 -20.29
CA ASP B 198 -29.27 -13.17 -21.02
C ASP B 198 -29.00 -11.96 -20.12
N GLU B 199 -29.59 -11.99 -18.93
CA GLU B 199 -29.42 -10.93 -17.96
C GLU B 199 -27.95 -10.64 -17.62
N ASN B 200 -27.05 -11.55 -17.97
CA ASN B 200 -25.62 -11.30 -17.73
C ASN B 200 -24.83 -10.89 -18.96
N ILE B 201 -25.53 -10.38 -19.98
CA ILE B 201 -24.86 -9.97 -21.20
C ILE B 201 -24.90 -8.47 -21.40
N ILE B 202 -23.72 -7.97 -21.70
CA ILE B 202 -23.51 -6.56 -21.99
C ILE B 202 -22.73 -6.43 -23.30
N LEU B 203 -23.09 -5.42 -24.09
CA LEU B 203 -22.54 -5.26 -25.43
C LEU B 203 -21.74 -3.96 -25.58
N ASP B 204 -20.67 -4.02 -26.37
CA ASP B 204 -19.86 -2.84 -26.63
C ASP B 204 -19.60 -2.79 -28.13
N PRO B 205 -19.80 -1.61 -28.75
CA PRO B 205 -19.63 -1.44 -30.20
C PRO B 205 -18.15 -1.40 -30.61
N GLY B 206 -17.22 -1.44 -29.65
CA GLY B 206 -15.82 -1.56 -29.97
C GLY B 206 -15.27 -0.39 -30.77
N ILE B 207 -15.63 0.83 -30.34
CA ILE B 207 -15.09 2.05 -30.92
C ILE B 207 -13.56 2.05 -30.81
N GLY B 208 -12.91 2.32 -31.93
CA GLY B 208 -11.46 2.28 -31.97
C GLY B 208 -10.89 0.94 -32.37
N PHE B 209 -11.75 -0.06 -32.58
CA PHE B 209 -11.26 -1.36 -32.98
C PHE B 209 -11.75 -1.75 -34.35
N ALA B 210 -10.82 -2.21 -35.18
CA ALA B 210 -11.09 -2.72 -36.51
C ALA B 210 -11.98 -1.77 -37.32
N LYS B 211 -11.79 -0.48 -37.08
CA LYS B 211 -12.54 0.54 -37.81
C LYS B 211 -11.65 1.71 -38.17
N THR B 212 -11.73 2.14 -39.41
CA THR B 212 -11.10 3.38 -39.86
C THR B 212 -11.66 4.54 -39.03
N PRO B 213 -10.96 5.68 -39.04
CA PRO B 213 -11.44 6.91 -38.40
C PRO B 213 -12.91 7.18 -38.70
N GLU B 214 -13.26 7.25 -39.98
CA GLU B 214 -14.56 7.75 -40.35
C GLU B 214 -15.59 6.65 -40.18
N GLN B 215 -15.13 5.41 -40.11
CA GLN B 215 -15.98 4.31 -39.69
C GLN B 215 -16.38 4.50 -38.23
N ASN B 216 -15.45 4.94 -37.38
CA ASN B 216 -15.78 5.24 -35.99
C ASN B 216 -16.85 6.33 -35.84
N LEU B 217 -16.74 7.40 -36.63
CA LEU B 217 -17.78 8.42 -36.62
C LEU B 217 -19.11 7.81 -37.01
N GLU B 218 -19.09 6.89 -37.98
CA GLU B 218 -20.30 6.30 -38.52
C GLU B 218 -21.01 5.48 -37.45
N ALA B 219 -20.25 4.61 -36.80
CA ALA B 219 -20.76 3.81 -35.69
C ALA B 219 -21.34 4.67 -34.57
N MET B 220 -20.60 5.72 -34.18
CA MET B 220 -21.14 6.71 -33.25
C MET B 220 -22.47 7.27 -33.70
N ARG B 221 -22.60 7.51 -35.01
CA ARG B 221 -23.76 8.20 -35.53
C ARG B 221 -24.94 7.26 -35.50
N ASN B 222 -24.63 5.96 -35.57
CA ASN B 222 -25.68 4.94 -35.72
C ASN B 222 -25.80 3.98 -34.55
N LEU B 223 -25.25 4.39 -33.40
CA LEU B 223 -25.17 3.54 -32.21
C LEU B 223 -26.51 3.07 -31.71
N GLU B 224 -27.58 3.83 -31.96
CA GLU B 224 -28.91 3.43 -31.48
C GLU B 224 -29.36 2.10 -32.06
N GLN B 225 -28.82 1.71 -33.22
CA GLN B 225 -29.24 0.45 -33.85
C GLN B 225 -28.76 -0.75 -33.04
N LEU B 226 -27.89 -0.53 -32.07
CA LEU B 226 -27.43 -1.62 -31.22
C LEU B 226 -28.56 -2.07 -30.30
N ASN B 227 -29.43 -1.11 -29.99
CA ASN B 227 -30.45 -1.30 -28.99
C ASN B 227 -31.43 -2.40 -29.36
N VAL B 228 -31.58 -2.66 -30.66
CA VAL B 228 -32.55 -3.66 -31.10
C VAL B 228 -32.16 -5.05 -30.63
N LEU B 229 -30.93 -5.25 -30.19
CA LEU B 229 -30.54 -6.60 -29.76
C LEU B 229 -31.12 -6.91 -28.38
N GLY B 230 -31.54 -5.88 -27.67
CA GLY B 230 -32.11 -6.03 -26.34
C GLY B 230 -31.16 -6.21 -25.15
N TYR B 231 -29.88 -5.91 -25.33
CA TYR B 231 -28.93 -5.91 -24.20
C TYR B 231 -28.45 -4.51 -23.85
N PRO B 232 -28.06 -4.34 -22.59
CA PRO B 232 -27.27 -3.19 -22.14
C PRO B 232 -26.07 -2.96 -23.07
N VAL B 233 -25.83 -1.70 -23.36
CA VAL B 233 -24.71 -1.30 -24.19
C VAL B 233 -23.70 -0.49 -23.37
N LEU B 234 -22.44 -0.86 -23.53
CA LEU B 234 -21.31 -0.15 -22.96
C LEU B 234 -20.54 0.58 -24.06
N LEU B 235 -20.29 1.86 -23.83
CA LEU B 235 -19.48 2.65 -24.76
C LEU B 235 -18.10 3.02 -24.21
N GLY B 236 -17.07 2.64 -24.96
CA GLY B 236 -15.70 3.00 -24.63
C GLY B 236 -15.02 3.85 -25.71
N THR B 237 -15.03 5.16 -25.51
CA THR B 237 -14.48 6.08 -26.48
C THR B 237 -13.34 6.92 -25.92
N SER B 238 -13.10 6.78 -24.62
CA SER B 238 -12.26 7.73 -23.88
C SER B 238 -10.89 7.99 -24.49
N ARG B 239 -10.62 9.26 -24.76
CA ARG B 239 -9.36 9.75 -25.33
C ARG B 239 -8.83 9.01 -26.55
N LYS B 240 -9.70 8.40 -27.35
CA LYS B 240 -9.21 7.54 -28.43
C LYS B 240 -8.73 8.28 -29.68
N SER B 241 -7.97 7.54 -30.48
CA SER B 241 -7.35 8.06 -31.68
C SER B 241 -8.29 8.90 -32.55
N PHE B 242 -9.54 8.45 -32.71
CA PHE B 242 -10.42 9.09 -33.67
C PHE B 242 -10.87 10.48 -33.22
N ILE B 243 -10.78 10.75 -31.92
CA ILE B 243 -11.07 12.08 -31.41
C ILE B 243 -9.90 12.98 -31.74
N GLY B 244 -8.71 12.36 -31.82
CA GLY B 244 -7.52 13.09 -32.16
C GLY B 244 -7.56 13.46 -33.62
N HIS B 245 -8.09 12.56 -34.45
CA HIS B 245 -8.09 12.77 -35.89
C HIS B 245 -9.05 13.85 -36.32
N VAL B 246 -10.12 14.05 -35.56
CA VAL B 246 -11.10 15.07 -35.89
C VAL B 246 -10.67 16.42 -35.33
N LEU B 247 -10.24 16.41 -34.07
CA LEU B 247 -9.87 17.65 -33.40
C LEU B 247 -8.42 18.04 -33.67
N ASP B 248 -7.63 17.09 -34.14
CA ASP B 248 -6.21 17.29 -34.40
C ASP B 248 -5.51 17.72 -33.10
N LEU B 249 -5.63 16.83 -32.13
CA LEU B 249 -5.18 17.06 -30.77
C LEU B 249 -4.63 15.75 -30.23
N PRO B 250 -3.61 15.82 -29.38
CA PRO B 250 -2.97 14.64 -28.81
C PRO B 250 -3.68 14.09 -27.56
N VAL B 251 -3.30 12.88 -27.17
CA VAL B 251 -4.00 12.14 -26.13
C VAL B 251 -4.34 12.86 -24.81
N GLU B 252 -3.55 13.83 -24.37
CA GLU B 252 -3.89 14.52 -23.13
C GLU B 252 -4.78 15.72 -23.38
N GLU B 253 -5.16 15.94 -24.63
CA GLU B 253 -6.06 17.04 -24.92
C GLU B 253 -7.35 16.57 -25.61
N ARG B 254 -7.90 15.43 -25.20
CA ARG B 254 -9.13 14.95 -25.83
C ARG B 254 -10.34 14.86 -24.89
N LEU B 255 -10.28 15.56 -23.76
CA LEU B 255 -11.37 15.51 -22.79
C LEU B 255 -12.66 16.05 -23.39
N GLU B 256 -12.59 17.22 -24.02
CA GLU B 256 -13.79 17.81 -24.64
C GLU B 256 -14.30 16.93 -25.78
N GLY B 257 -13.40 16.25 -26.47
CA GLY B 257 -13.79 15.36 -27.54
C GLY B 257 -14.49 14.14 -26.99
N THR B 258 -13.89 13.56 -25.96
CA THR B 258 -14.47 12.44 -25.24
C THR B 258 -15.86 12.79 -24.73
N GLY B 259 -16.02 14.02 -24.24
CA GLY B 259 -17.26 14.43 -23.64
C GLY B 259 -18.36 14.35 -24.67
N ALA B 260 -18.05 14.82 -25.87
CA ALA B 260 -19.00 14.83 -26.97
C ALA B 260 -19.44 13.43 -27.26
N THR B 261 -18.48 12.51 -27.35
CA THR B 261 -18.82 11.12 -27.64
C THR B 261 -19.69 10.51 -26.54
N VAL B 262 -19.39 10.85 -25.29
CA VAL B 262 -20.19 10.37 -24.15
C VAL B 262 -21.62 10.91 -24.18
N CYS B 263 -21.76 12.21 -24.43
CA CYS B 263 -23.10 12.81 -24.54
C CYS B 263 -23.96 12.17 -25.66
N LEU B 264 -23.34 11.91 -26.80
CA LEU B 264 -24.06 11.33 -27.92
C LEU B 264 -24.44 9.89 -27.58
N GLY B 265 -23.48 9.12 -27.09
CA GLY B 265 -23.71 7.73 -26.71
C GLY B 265 -24.85 7.61 -25.73
N ILE B 266 -24.93 8.55 -24.80
CA ILE B 266 -26.01 8.50 -23.82
C ILE B 266 -27.35 8.90 -24.44
N GLU B 267 -27.36 9.93 -25.27
CA GLU B 267 -28.60 10.34 -25.95
C GLU B 267 -29.07 9.20 -26.85
N LYS B 268 -28.14 8.34 -27.25
CA LYS B 268 -28.43 7.22 -28.12
C LYS B 268 -28.66 5.94 -27.32
N GLY B 269 -28.82 6.06 -26.00
CA GLY B 269 -29.26 4.97 -25.15
C GLY B 269 -28.26 3.98 -24.57
N CYS B 270 -27.02 4.40 -24.39
CA CYS B 270 -26.04 3.51 -23.76
C CYS B 270 -26.27 3.41 -22.24
N GLU B 271 -25.99 2.26 -21.65
CA GLU B 271 -26.17 2.10 -20.21
C GLU B 271 -24.91 2.35 -19.33
N PHE B 272 -23.72 2.16 -19.88
CA PHE B 272 -22.47 2.52 -19.23
C PHE B 272 -21.58 3.22 -20.22
N VAL B 273 -20.64 4.01 -19.70
CA VAL B 273 -19.53 4.58 -20.46
C VAL B 273 -18.27 4.36 -19.64
N ARG B 274 -17.21 3.93 -20.33
CA ARG B 274 -15.92 3.59 -19.76
C ARG B 274 -14.94 4.74 -20.02
N VAL B 275 -14.45 5.39 -18.97
CA VAL B 275 -13.75 6.67 -19.12
C VAL B 275 -12.47 6.82 -18.27
N HIS B 276 -11.57 7.71 -18.69
CA HIS B 276 -10.36 8.04 -17.90
C HIS B 276 -10.65 9.15 -16.90
N ASP B 277 -11.28 10.22 -17.39
CA ASP B 277 -11.64 11.37 -16.58
C ASP B 277 -13.00 11.15 -15.95
N VAL B 278 -13.02 10.46 -14.82
CA VAL B 278 -14.27 10.18 -14.12
C VAL B 278 -15.05 11.42 -13.65
N LYS B 279 -14.40 12.33 -12.94
CA LYS B 279 -15.12 13.53 -12.46
C LYS B 279 -15.88 14.23 -13.59
N GLU B 280 -15.15 14.68 -14.60
CA GLU B 280 -15.72 15.42 -15.73
C GLU B 280 -16.86 14.67 -16.48
N MET B 281 -16.62 13.40 -16.81
CA MET B 281 -17.56 12.63 -17.58
C MET B 281 -18.82 12.35 -16.78
N SER B 282 -18.66 12.25 -15.47
CA SER B 282 -19.78 11.86 -14.63
C SER B 282 -20.74 13.02 -14.38
N ARG B 283 -20.23 14.25 -14.40
CA ARG B 283 -21.08 15.43 -14.41
C ARG B 283 -21.88 15.50 -15.72
N MET B 284 -21.19 15.30 -16.84
CA MET B 284 -21.84 15.38 -18.13
C MET B 284 -22.86 14.27 -18.23
N ALA B 285 -22.48 13.08 -17.77
CA ALA B 285 -23.39 11.97 -17.77
C ALA B 285 -24.62 12.41 -16.99
N LYS B 286 -24.39 13.02 -15.83
CA LYS B 286 -25.49 13.40 -14.95
C LYS B 286 -26.44 14.39 -15.60
N MET B 287 -25.90 15.41 -16.26
CA MET B 287 -26.70 16.46 -16.87
C MET B 287 -27.39 15.98 -18.16
N MET B 288 -26.83 14.96 -18.81
CA MET B 288 -27.54 14.33 -19.94
C MET B 288 -28.76 13.61 -19.43
N ASP B 289 -28.55 12.74 -18.44
CA ASP B 289 -29.63 11.97 -17.86
C ASP B 289 -30.81 12.87 -17.47
N ALA B 290 -30.53 14.03 -16.88
CA ALA B 290 -31.60 14.95 -16.45
C ALA B 290 -32.35 15.52 -17.65
N MET B 291 -31.68 15.60 -18.79
CA MET B 291 -32.31 16.16 -19.97
C MET B 291 -33.09 15.12 -20.74
N ILE B 292 -32.55 13.91 -20.86
CA ILE B 292 -33.28 12.91 -21.63
C ILE B 292 -34.33 12.21 -20.75
N GLY B 293 -34.30 12.49 -19.46
CA GLY B 293 -35.36 12.01 -18.57
C GLY B 293 -35.15 10.59 -18.10
N LYS B 294 -33.90 10.27 -17.75
CA LYS B 294 -33.57 8.94 -17.28
C LYS B 294 -33.29 8.98 -15.77
#